data_9HM2
#
_entry.id   9HM2
#
_cell.length_a   30.127
_cell.length_b   76.157
_cell.length_c   76.922
_cell.angle_alpha   90.000
_cell.angle_beta   90.000
_cell.angle_gamma   90.000
#
_symmetry.space_group_name_H-M   'P 21 21 21'
#
loop_
_entity.id
_entity.type
_entity.pdbx_description
1 polymer 'Tight junction protein ZO-1'
2 polymer 'Envelope small membrane protein'
3 non-polymer 'IODIDE ION'
4 water water
#
loop_
_entity_poly.entity_id
_entity_poly.type
_entity_poly.pdbx_seq_one_letter_code
_entity_poly.pdbx_strand_id
1 'polypeptide(L)'
;GSKVTLVKSRKNEEYGLRLASHIFVKEISQDSLAARDGNIQEGDVVLKINGTVTENMSLTDAKTLIERSKGKLKMVVQRD
WNSS
;
A,B
2 'polypeptide(L)' NLNSSRVPDLLV C,D
#
# COMPACT_ATOMS: atom_id res chain seq x y z
N GLY A 1 -10.81 8.96 -8.17
CA GLY A 1 -10.97 10.37 -7.87
C GLY A 1 -12.39 10.76 -7.50
N SER A 2 -12.88 10.25 -6.37
CA SER A 2 -14.21 10.59 -5.86
C SER A 2 -14.06 11.09 -4.43
N LYS A 3 -14.51 12.32 -4.19
CA LYS A 3 -14.54 12.90 -2.85
C LYS A 3 -15.69 12.33 -2.04
N VAL A 4 -15.38 11.80 -0.86
CA VAL A 4 -16.35 11.14 0.01
C VAL A 4 -16.28 11.82 1.36
N THR A 5 -17.44 12.01 1.99
CA THR A 5 -17.52 12.55 3.34
C THR A 5 -18.42 11.64 4.16
N LEU A 6 -17.89 11.10 5.26
CA LEU A 6 -18.67 10.29 6.21
C LEU A 6 -18.81 11.06 7.51
N VAL A 7 -20.04 11.23 7.99
CA VAL A 7 -20.32 11.99 9.19
C VAL A 7 -20.92 11.05 10.22
N LYS A 8 -20.29 10.99 11.38
CA LYS A 8 -20.82 10.25 12.53
C LYS A 8 -21.93 11.02 13.21
N SER A 9 -22.83 10.27 13.86
CA SER A 9 -23.86 10.83 14.72
C SER A 9 -23.62 10.59 16.20
N ARG A 10 -22.66 9.72 16.54
CA ARG A 10 -22.27 9.44 17.90
C ARG A 10 -20.75 9.28 17.94
N LYS A 11 -20.16 9.54 19.11
CA LYS A 11 -18.71 9.39 19.24
C LYS A 11 -18.29 7.93 19.12
N ASN A 12 -19.08 7.01 19.66
CA ASN A 12 -18.72 5.60 19.65
C ASN A 12 -19.02 4.91 18.32
N GLU A 13 -19.57 5.62 17.34
CA GLU A 13 -19.84 5.00 16.06
C GLU A 13 -18.54 4.66 15.37
N GLU A 14 -18.64 3.83 14.33
CA GLU A 14 -17.53 3.50 13.47
C GLU A 14 -17.91 3.89 12.05
N TYR A 15 -16.89 4.10 11.21
CA TYR A 15 -17.13 4.35 9.80
C TYR A 15 -17.53 3.08 9.06
N GLY A 16 -16.99 1.94 9.49
CA GLY A 16 -17.26 0.67 8.82
C GLY A 16 -16.23 0.27 7.80
N LEU A 17 -14.99 0.74 7.93
CA LEU A 17 -13.94 0.47 6.96
C LEU A 17 -12.89 -0.45 7.55
N ARG A 18 -12.52 -1.47 6.78
CA ARG A 18 -11.36 -2.32 7.04
C ARG A 18 -10.36 -1.91 5.97
N LEU A 19 -9.33 -1.17 6.36
CA LEU A 19 -8.32 -0.73 5.41
C LEU A 19 -7.06 -1.59 5.55
N ALA A 20 -6.42 -1.79 4.40
CA ALA A 20 -5.22 -2.60 4.32
C ALA A 20 -4.25 -1.88 3.38
N SER A 21 -3.02 -2.38 3.31
CA SER A 21 -2.03 -1.80 2.42
C SER A 21 -1.27 -2.88 1.68
N HIS A 22 -0.88 -2.58 0.44
CA HIS A 22 -0.02 -3.40 -0.41
C HIS A 22 1.18 -2.59 -0.77
N ILE A 23 2.34 -3.22 -0.81
CA ILE A 23 3.54 -2.64 -1.39
C ILE A 23 3.56 -3.05 -2.85
N PHE A 24 3.92 -2.11 -3.73
CA PHE A 24 3.93 -2.40 -5.17
C PHE A 24 5.15 -1.76 -5.81
N VAL A 25 5.54 -2.30 -6.97
CA VAL A 25 6.66 -1.78 -7.73
C VAL A 25 6.17 -0.55 -8.50
N LYS A 26 6.60 0.62 -8.06
CA LYS A 26 6.15 1.84 -8.71
C LYS A 26 6.96 2.12 -9.98
N GLU A 27 8.27 1.85 -9.96
CA GLU A 27 9.11 2.11 -11.11
C GLU A 27 10.29 1.14 -11.11
N ILE A 28 10.75 0.79 -12.30
CA ILE A 28 11.98 0.01 -12.47
C ILE A 28 12.97 0.86 -13.24
N SER A 29 14.19 0.99 -12.72
CA SER A 29 15.17 1.85 -13.38
C SER A 29 15.67 1.18 -14.65
N GLN A 30 15.89 2.01 -15.68
CA GLN A 30 16.53 1.52 -16.89
C GLN A 30 17.91 0.94 -16.59
N ASP A 31 18.27 -0.12 -17.34
CA ASP A 31 19.59 -0.77 -17.24
C ASP A 31 19.96 -1.10 -15.80
N SER A 32 19.01 -1.69 -15.09
CA SER A 32 19.15 -2.07 -13.69
C SER A 32 18.98 -3.57 -13.53
N LEU A 33 19.30 -4.09 -12.35
CA LEU A 33 19.05 -5.50 -12.08
C LEU A 33 17.59 -5.85 -12.30
N ALA A 34 16.68 -5.00 -11.78
CA ALA A 34 15.27 -5.27 -11.95
C ALA A 34 14.87 -5.21 -13.43
N ALA A 35 15.43 -4.25 -14.16
CA ALA A 35 15.09 -4.11 -15.57
C ALA A 35 15.41 -5.37 -16.36
N ARG A 36 16.50 -6.04 -16.01
CA ARG A 36 16.97 -7.17 -16.80
C ARG A 36 16.34 -8.49 -16.37
N ASP A 37 15.78 -8.54 -15.17
CA ASP A 37 15.10 -9.72 -14.68
C ASP A 37 13.82 -10.01 -15.47
N GLY A 38 13.55 -11.28 -15.74
CA GLY A 38 12.36 -11.64 -16.49
C GLY A 38 11.07 -11.57 -15.70
N ASN A 39 11.14 -11.59 -14.37
CA ASN A 39 10.00 -11.97 -13.54
C ASN A 39 9.38 -10.83 -12.74
N ILE A 40 9.86 -9.60 -12.89
CA ILE A 40 9.38 -8.50 -12.07
C ILE A 40 9.09 -7.31 -12.98
N GLN A 41 7.98 -6.62 -12.69
CA GLN A 41 7.39 -5.65 -13.59
C GLN A 41 6.81 -4.50 -12.80
N GLU A 42 6.89 -3.29 -13.37
CA GLU A 42 6.14 -2.17 -12.83
C GLU A 42 4.68 -2.55 -12.66
N GLY A 43 4.13 -2.21 -11.49
CA GLY A 43 2.77 -2.56 -11.13
C GLY A 43 2.65 -3.77 -10.25
N ASP A 44 3.68 -4.62 -10.21
CA ASP A 44 3.63 -5.84 -9.41
C ASP A 44 3.36 -5.52 -7.95
N VAL A 45 2.43 -6.24 -7.35
CA VAL A 45 2.24 -6.17 -5.90
C VAL A 45 3.21 -7.15 -5.26
N VAL A 46 4.00 -6.67 -4.30
CA VAL A 46 4.99 -7.49 -3.61
C VAL A 46 4.31 -8.19 -2.43
N LEU A 47 4.25 -9.51 -2.47
CA LEU A 47 3.59 -10.25 -1.40
C LEU A 47 4.55 -10.66 -0.29
N LYS A 48 5.83 -10.84 -0.60
CA LYS A 48 6.81 -11.30 0.37
C LYS A 48 8.17 -10.72 -0.01
N ILE A 49 8.93 -10.30 1.00
CA ILE A 49 10.32 -9.92 0.86
C ILE A 49 11.14 -10.85 1.75
N ASN A 50 12.10 -11.55 1.15
CA ASN A 50 13.05 -12.39 1.87
C ASN A 50 12.36 -13.28 2.90
N GLY A 51 11.24 -13.88 2.50
CA GLY A 51 10.54 -14.84 3.33
C GLY A 51 9.52 -14.27 4.29
N THR A 52 9.26 -12.98 4.26
CA THR A 52 8.37 -12.31 5.21
C THR A 52 7.19 -11.72 4.46
N VAL A 53 5.98 -11.96 4.97
CA VAL A 53 4.78 -11.39 4.36
C VAL A 53 4.78 -9.89 4.53
N THR A 54 4.53 -9.17 3.44
CA THR A 54 4.54 -7.71 3.47
C THR A 54 3.15 -7.10 3.52
N GLU A 55 2.10 -7.91 3.60
CA GLU A 55 0.75 -7.35 3.67
C GLU A 55 0.65 -6.46 4.90
N ASN A 56 0.24 -5.21 4.68
CA ASN A 56 0.03 -4.18 5.70
C ASN A 56 1.34 -3.61 6.24
N MET A 57 2.48 -3.99 5.68
CA MET A 57 3.74 -3.51 6.19
C MET A 57 4.10 -2.12 5.62
N SER A 58 4.67 -1.28 6.48
CA SER A 58 5.13 0.05 6.11
C SER A 58 6.37 -0.03 5.24
N LEU A 59 6.59 1.02 4.45
CA LEU A 59 7.78 1.02 3.60
C LEU A 59 9.05 1.03 4.45
N THR A 60 9.00 1.69 5.60
CA THR A 60 10.15 1.71 6.50
C THR A 60 10.51 0.30 6.94
N ASP A 61 9.52 -0.52 7.27
CA ASP A 61 9.80 -1.89 7.66
C ASP A 61 10.23 -2.71 6.45
N ALA A 62 9.67 -2.43 5.28
CA ALA A 62 10.11 -3.11 4.07
C ALA A 62 11.58 -2.81 3.77
N LYS A 63 12.01 -1.56 4.01
CA LYS A 63 13.41 -1.20 3.80
C LYS A 63 14.33 -2.01 4.71
N THR A 64 13.97 -2.17 5.98
CA THR A 64 14.81 -2.95 6.89
C THR A 64 14.87 -4.42 6.47
N LEU A 65 13.74 -4.99 6.03
CA LEU A 65 13.74 -6.35 5.51
C LEU A 65 14.65 -6.49 4.30
N ILE A 66 14.69 -5.48 3.43
CA ILE A 66 15.54 -5.55 2.25
C ILE A 66 17.01 -5.45 2.65
N GLU A 67 17.33 -4.54 3.57
CA GLU A 67 18.71 -4.36 3.98
C GLU A 67 19.25 -5.55 4.74
N ARG A 68 18.38 -6.41 5.25
CA ARG A 68 18.84 -7.53 6.10
C ARG A 68 19.75 -8.48 5.35
N SER A 69 19.48 -8.75 4.08
CA SER A 69 20.33 -9.64 3.31
C SER A 69 21.16 -8.80 2.36
N LYS A 70 22.44 -8.70 2.65
CA LYS A 70 23.35 -7.88 1.85
C LYS A 70 23.73 -8.67 0.61
N GLY A 71 23.30 -8.19 -0.56
CA GLY A 71 23.70 -8.74 -1.85
C GLY A 71 22.57 -9.34 -2.65
N LYS A 72 21.57 -9.92 -1.98
CA LYS A 72 20.50 -10.62 -2.69
C LYS A 72 19.17 -10.11 -2.18
N LEU A 73 18.17 -10.07 -3.06
CA LEU A 73 16.80 -9.68 -2.72
C LEU A 73 15.85 -10.71 -3.30
N LYS A 74 15.20 -11.49 -2.44
CA LYS A 74 14.20 -12.45 -2.87
C LYS A 74 12.80 -11.90 -2.63
N MET A 75 11.91 -12.10 -3.58
CA MET A 75 10.55 -11.63 -3.43
C MET A 75 9.59 -12.64 -4.03
N VAL A 76 8.35 -12.58 -3.57
CA VAL A 76 7.21 -13.11 -4.32
C VAL A 76 6.38 -11.92 -4.74
N VAL A 77 6.12 -11.81 -6.05
CA VAL A 77 5.37 -10.68 -6.61
C VAL A 77 4.17 -11.24 -7.36
N GLN A 78 3.14 -10.42 -7.52
CA GLN A 78 1.96 -10.78 -8.32
C GLN A 78 1.64 -9.67 -9.30
N ARG A 79 1.24 -10.07 -10.51
CA ARG A 79 0.85 -9.11 -11.54
C ARG A 79 -0.31 -8.27 -11.04
N ASP A 80 -0.26 -6.96 -11.31
CA ASP A 80 -1.33 -6.09 -10.83
C ASP A 80 -2.71 -6.53 -11.36
N TRP A 81 -2.76 -7.04 -12.61
CA TRP A 81 -4.02 -7.53 -13.18
C TRP A 81 -4.46 -8.87 -12.59
N ASN A 82 -3.72 -9.40 -11.63
CA ASN A 82 -4.01 -10.65 -10.95
C ASN A 82 -4.31 -10.46 -9.47
N SER A 83 -4.47 -9.22 -9.01
CA SER A 83 -4.69 -8.94 -7.60
C SER A 83 -5.92 -8.07 -7.39
N GLY B 1 2.70 -15.36 -7.00
CA GLY B 1 2.89 -16.56 -7.79
C GLY B 1 4.18 -16.51 -8.56
N SER B 2 4.88 -15.37 -8.53
CA SER B 2 6.11 -15.20 -9.30
C SER B 2 7.28 -15.00 -8.36
N LYS B 3 8.26 -15.90 -8.42
CA LYS B 3 9.46 -15.81 -7.59
C LYS B 3 10.51 -14.98 -8.30
N VAL B 4 11.06 -14.00 -7.59
CA VAL B 4 12.07 -13.09 -8.11
C VAL B 4 13.29 -13.21 -7.21
N THR B 5 14.47 -13.35 -7.82
CA THR B 5 15.73 -13.28 -7.08
C THR B 5 16.66 -12.35 -7.84
N LEU B 6 17.01 -11.22 -7.22
CA LEU B 6 17.91 -10.24 -7.80
C LEU B 6 19.20 -10.27 -7.00
N VAL B 7 20.32 -10.46 -7.68
CA VAL B 7 21.61 -10.69 -7.04
C VAL B 7 22.55 -9.57 -7.43
N LYS B 8 23.04 -8.85 -6.44
CA LYS B 8 24.03 -7.82 -6.70
C LYS B 8 25.36 -8.44 -7.04
N SER B 9 26.08 -7.77 -7.94
CA SER B 9 27.45 -8.12 -8.28
C SER B 9 28.46 -7.15 -7.69
N ARG B 10 28.01 -6.03 -7.11
CA ARG B 10 28.89 -5.07 -6.45
C ARG B 10 28.15 -4.50 -5.25
N LYS B 11 28.93 -4.01 -4.28
CA LYS B 11 28.37 -3.54 -3.02
C LYS B 11 27.47 -2.32 -3.22
N ASN B 12 27.94 -1.33 -3.97
CA ASN B 12 27.16 -0.12 -4.19
C ASN B 12 26.11 -0.27 -5.29
N GLU B 13 26.01 -1.44 -5.91
CA GLU B 13 25.00 -1.62 -6.94
C GLU B 13 23.60 -1.47 -6.36
N GLU B 14 22.70 -0.89 -7.14
CA GLU B 14 21.30 -0.81 -6.77
C GLU B 14 20.51 -1.90 -7.47
N TYR B 15 19.34 -2.19 -6.91
CA TYR B 15 18.39 -3.09 -7.54
C TYR B 15 17.63 -2.43 -8.66
N GLY B 16 17.40 -1.12 -8.56
CA GLY B 16 16.62 -0.42 -9.56
C GLY B 16 15.13 -0.43 -9.31
N LEU B 17 14.72 -0.58 -8.05
CA LEU B 17 13.31 -0.64 -7.67
C LEU B 17 12.92 0.64 -6.93
N ARG B 18 11.79 1.21 -7.34
CA ARG B 18 11.08 2.21 -6.57
C ARG B 18 9.82 1.52 -6.03
N LEU B 19 9.79 1.24 -4.74
CA LEU B 19 8.65 0.57 -4.13
C LEU B 19 7.78 1.61 -3.44
N ALA B 20 6.46 1.53 -3.66
CA ALA B 20 5.51 2.45 -3.05
C ALA B 20 4.41 1.65 -2.37
N SER B 21 3.47 2.33 -1.74
CA SER B 21 2.40 1.64 -1.03
C SER B 21 1.06 2.24 -1.44
N HIS B 22 0.03 1.39 -1.42
CA HIS B 22 -1.35 1.78 -1.62
C HIS B 22 -2.16 1.31 -0.42
N ILE B 23 -2.88 2.22 0.21
CA ILE B 23 -3.90 1.84 1.20
C ILE B 23 -5.22 1.66 0.47
N PHE B 24 -5.92 0.57 0.76
CA PHE B 24 -7.12 0.26 0.00
C PHE B 24 -8.18 -0.25 0.95
N VAL B 25 -9.42 -0.23 0.48
CA VAL B 25 -10.59 -0.65 1.24
C VAL B 25 -10.74 -2.16 1.05
N LYS B 26 -10.40 -2.92 2.09
CA LYS B 26 -10.50 -4.36 2.02
C LYS B 26 -11.92 -4.83 2.20
N GLU B 27 -12.69 -4.17 3.08
CA GLU B 27 -14.04 -4.60 3.38
C GLU B 27 -14.82 -3.43 3.95
N ILE B 28 -16.12 -3.40 3.65
CA ILE B 28 -17.05 -2.42 4.20
C ILE B 28 -18.09 -3.16 5.03
N SER B 29 -18.32 -2.69 6.26
CA SER B 29 -19.30 -3.33 7.13
C SER B 29 -20.73 -3.05 6.68
N GLN B 30 -21.59 -4.07 6.82
CA GLN B 30 -22.99 -3.94 6.45
C GLN B 30 -23.67 -2.81 7.20
N ASP B 31 -24.51 -2.06 6.47
CA ASP B 31 -25.39 -1.04 7.05
C ASP B 31 -24.60 0.07 7.75
N SER B 32 -23.32 0.21 7.41
CA SER B 32 -22.44 1.19 8.04
C SER B 32 -22.55 2.53 7.32
N LEU B 33 -21.98 3.56 7.95
CA LEU B 33 -21.84 4.86 7.30
C LEU B 33 -21.20 4.70 5.92
N ALA B 34 -20.11 3.95 5.84
CA ALA B 34 -19.43 3.76 4.56
C ALA B 34 -20.34 3.05 3.56
N ALA B 35 -20.99 1.96 3.99
CA ALA B 35 -21.88 1.24 3.09
C ALA B 35 -23.02 2.13 2.60
N ARG B 36 -23.67 2.87 3.51
CA ARG B 36 -24.79 3.71 3.13
C ARG B 36 -24.40 4.93 2.32
N ASP B 37 -23.10 5.23 2.21
CA ASP B 37 -22.70 6.41 1.45
C ASP B 37 -22.79 6.16 -0.06
N GLY B 38 -22.43 4.97 -0.52
CA GLY B 38 -22.60 4.61 -1.91
C GLY B 38 -21.41 4.88 -2.80
N ASN B 39 -20.54 5.82 -2.42
CA ASN B 39 -19.43 6.24 -3.28
C ASN B 39 -18.15 5.46 -3.04
N ILE B 40 -18.08 4.65 -1.99
CA ILE B 40 -16.90 3.85 -1.69
C ILE B 40 -17.22 2.41 -2.06
N GLN B 41 -16.25 1.73 -2.64
CA GLN B 41 -16.41 0.33 -2.98
C GLN B 41 -15.20 -0.46 -2.50
N GLU B 42 -15.43 -1.73 -2.19
CA GLU B 42 -14.31 -2.60 -1.87
C GLU B 42 -13.35 -2.64 -3.04
N GLY B 43 -12.06 -2.57 -2.73
CA GLY B 43 -11.02 -2.49 -3.73
C GLY B 43 -10.50 -1.09 -3.95
N ASP B 44 -11.26 -0.07 -3.56
CA ASP B 44 -10.87 1.32 -3.78
C ASP B 44 -9.53 1.63 -3.13
N VAL B 45 -8.70 2.39 -3.84
CA VAL B 45 -7.46 2.91 -3.27
C VAL B 45 -7.79 4.26 -2.63
N VAL B 46 -7.30 4.46 -1.41
CA VAL B 46 -7.49 5.69 -0.68
C VAL B 46 -6.34 6.62 -1.06
N LEU B 47 -6.64 7.69 -1.78
CA LEU B 47 -5.60 8.59 -2.26
C LEU B 47 -5.35 9.77 -1.31
N LYS B 48 -6.33 10.11 -0.48
CA LYS B 48 -6.27 11.33 0.30
C LYS B 48 -7.19 11.14 1.51
N ILE B 49 -6.75 11.61 2.68
CA ILE B 49 -7.55 11.53 3.90
C ILE B 49 -7.45 12.86 4.64
N ASN B 50 -8.59 13.51 4.86
CA ASN B 50 -8.65 14.78 5.57
C ASN B 50 -7.65 15.77 4.99
N GLY B 51 -7.54 15.77 3.67
CA GLY B 51 -6.80 16.77 2.95
C GLY B 51 -5.34 16.46 2.72
N THR B 52 -4.86 15.30 3.15
CA THR B 52 -3.47 14.91 3.03
C THR B 52 -3.33 13.69 2.12
N VAL B 53 -2.42 13.78 1.15
CA VAL B 53 -2.18 12.65 0.26
C VAL B 53 -1.58 11.50 1.05
N THR B 54 -1.98 10.27 0.71
CA THR B 54 -1.67 9.08 1.50
C THR B 54 -0.59 8.20 0.87
N GLU B 55 -0.06 8.59 -0.28
CA GLU B 55 0.81 7.66 -0.99
C GLU B 55 2.12 7.52 -0.23
N ASN B 56 2.63 6.29 -0.17
CA ASN B 56 3.75 5.84 0.65
C ASN B 56 3.40 5.77 2.15
N MET B 57 2.18 6.09 2.55
CA MET B 57 1.89 6.13 3.99
C MET B 57 1.56 4.76 4.54
N SER B 58 1.87 4.56 5.82
CA SER B 58 1.55 3.33 6.52
C SER B 58 0.12 3.38 7.07
N LEU B 59 -0.42 2.20 7.39
CA LEU B 59 -1.72 2.16 8.06
C LEU B 59 -1.69 2.95 9.37
N THR B 60 -0.57 2.93 10.08
CA THR B 60 -0.46 3.77 11.28
C THR B 60 -0.55 5.25 10.94
N ASP B 61 0.10 5.67 9.85
CA ASP B 61 0.00 7.07 9.44
C ASP B 61 -1.45 7.42 9.09
N ALA B 62 -2.13 6.51 8.39
CA ALA B 62 -3.51 6.75 8.02
C ALA B 62 -4.40 6.83 9.25
N LYS B 63 -4.11 6.02 10.27
CA LYS B 63 -4.95 6.03 11.46
C LYS B 63 -4.92 7.38 12.15
N THR B 64 -3.74 7.99 12.24
CA THR B 64 -3.68 9.31 12.85
C THR B 64 -4.30 10.35 11.93
N LEU B 65 -4.15 10.19 10.60
CA LEU B 65 -4.81 11.11 9.67
C LEU B 65 -6.31 11.02 9.83
N ILE B 66 -6.84 9.81 10.01
CA ILE B 66 -8.27 9.63 10.17
C ILE B 66 -8.74 10.23 11.48
N GLU B 67 -8.02 9.96 12.57
CA GLU B 67 -8.42 10.46 13.87
C GLU B 67 -8.28 11.97 14.01
N ARG B 68 -7.61 12.64 13.06
CA ARG B 68 -7.43 14.09 13.14
C ARG B 68 -8.76 14.83 13.13
N SER B 69 -9.72 14.35 12.36
CA SER B 69 -11.04 14.95 12.29
C SER B 69 -11.98 14.17 13.21
N LYS B 70 -12.58 14.86 14.18
CA LYS B 70 -13.18 14.19 15.33
C LYS B 70 -14.47 13.47 14.95
N GLY B 71 -15.46 14.20 14.46
CA GLY B 71 -16.74 13.60 14.15
C GLY B 71 -16.95 13.13 12.72
N LYS B 72 -16.09 13.59 11.80
CA LYS B 72 -16.31 13.44 10.37
C LYS B 72 -15.02 12.98 9.71
N LEU B 73 -15.15 12.51 8.47
CA LEU B 73 -14.03 11.93 7.74
C LEU B 73 -14.18 12.26 6.27
N LYS B 74 -13.17 12.89 5.71
CA LYS B 74 -13.11 13.18 4.28
C LYS B 74 -12.02 12.34 3.64
N MET B 75 -12.30 11.78 2.47
CA MET B 75 -11.33 11.02 1.71
C MET B 75 -11.53 11.31 0.23
N VAL B 76 -10.49 11.01 -0.53
CA VAL B 76 -10.59 10.80 -1.96
C VAL B 76 -10.29 9.33 -2.19
N VAL B 77 -11.22 8.63 -2.84
CA VAL B 77 -11.01 7.23 -3.17
C VAL B 77 -10.95 7.11 -4.68
N GLN B 78 -10.40 6.00 -5.15
CA GLN B 78 -10.38 5.75 -6.58
C GLN B 78 -10.54 4.26 -6.83
N ARG B 79 -11.35 3.91 -7.83
CA ARG B 79 -11.57 2.52 -8.21
C ARG B 79 -10.26 1.78 -8.44
N ASP B 80 -10.25 0.49 -8.11
CA ASP B 80 -9.19 -0.38 -8.58
C ASP B 80 -9.36 -0.56 -10.09
N TRP B 81 -8.28 -0.30 -10.84
CA TRP B 81 -8.32 -0.35 -12.29
C TRP B 81 -8.81 -1.70 -12.80
N ASN B 82 -8.50 -2.79 -12.09
CA ASN B 82 -8.88 -4.15 -12.49
C ASN B 82 -10.14 -4.63 -11.78
N SER B 83 -11.06 -3.73 -11.47
CA SER B 83 -12.39 -4.13 -11.04
C SER B 83 -13.43 -3.72 -12.09
N SER C 4 2.79 10.67 -5.00
CA SER C 4 3.16 10.58 -3.59
C SER C 4 3.89 11.82 -3.10
N SER C 5 3.79 12.08 -1.80
CA SER C 5 4.36 13.28 -1.21
C SER C 5 4.55 13.07 0.29
N ARG C 6 5.41 13.93 0.88
CA ARG C 6 5.67 14.03 2.31
C ARG C 6 6.39 12.80 2.87
N VAL C 7 5.91 11.61 2.56
CA VAL C 7 6.63 10.37 2.85
C VAL C 7 7.46 10.02 1.62
N PRO C 8 8.78 10.00 1.71
CA PRO C 8 9.59 9.73 0.51
C PRO C 8 9.40 8.30 0.03
N ASP C 9 9.70 8.11 -1.25
CA ASP C 9 9.61 6.76 -1.78
C ASP C 9 10.73 5.91 -1.20
N LEU C 10 10.61 4.61 -1.43
CA LEU C 10 11.66 3.66 -1.09
C LEU C 10 12.38 3.31 -2.37
N LEU C 11 13.63 3.74 -2.48
CA LEU C 11 14.48 3.42 -3.62
C LEU C 11 15.53 2.41 -3.17
N VAL C 12 15.57 1.27 -3.84
CA VAL C 12 16.60 0.26 -3.54
C VAL C 12 17.23 -0.27 -4.82
N SER D 5 -0.59 -12.74 7.90
CA SER D 5 0.37 -11.68 8.21
C SER D 5 0.43 -11.47 9.72
N ARG D 6 1.49 -10.82 10.17
CA ARG D 6 1.54 -10.38 11.56
C ARG D 6 0.94 -9.02 11.76
N VAL D 7 0.84 -8.21 10.71
CA VAL D 7 0.36 -6.83 10.82
C VAL D 7 -1.14 -6.82 10.54
N PRO D 8 -1.98 -6.46 11.52
CA PRO D 8 -3.43 -6.52 11.31
C PRO D 8 -3.92 -5.39 10.44
N ASP D 9 -5.06 -5.63 9.77
CA ASP D 9 -5.75 -4.55 9.08
C ASP D 9 -6.12 -3.44 10.08
N LEU D 10 -6.31 -2.24 9.55
CA LEU D 10 -6.79 -1.10 10.33
C LEU D 10 -8.30 -1.01 10.20
N LEU D 11 -9.00 -1.03 11.33
CA LEU D 11 -10.45 -0.92 11.35
C LEU D 11 -10.82 0.45 11.92
N VAL D 12 -11.68 1.16 11.21
CA VAL D 12 -12.14 2.48 11.66
C VAL D 12 -13.63 2.63 11.40
#